data_1QPL
#
_entry.id   1QPL
#
_cell.length_a   119.740
_cell.length_b   119.740
_cell.length_c   57.210
_cell.angle_alpha   90.00
_cell.angle_beta   90.00
_cell.angle_gamma   90.00
#
_symmetry.space_group_name_H-M   'I 4'
#
loop_
_entity.id
_entity.type
_entity.pdbx_description
1 polymer 'PROTEIN (FK506-BINDING PROTEIN)'
2 non-polymer 'C32-O-(1-METHYL-INDOL-5-YL) 18-HYDROXY-ASCOMYCIN'
3 water water
#
_entity_poly.entity_id   1
_entity_poly.type   'polypeptide(L)'
_entity_poly.pdbx_seq_one_letter_code
;GVQVETISPGDGRTFPKRGQTCVVHYTGMLEDGKKFDSSRDRNKPFKFMLGKQEVIRGWEEGVAQMSVGQRAKLTISPDY
AYGATGHPGIIPPHATLVFDVELLKLE
;
_entity_poly.pdbx_strand_id   A,C
#
# COMPACT_ATOMS: atom_id res chain seq x y z
N GLY A 1 10.91 2.42 -20.59
CA GLY A 1 11.40 1.02 -20.43
C GLY A 1 11.43 0.59 -18.98
N VAL A 2 12.19 -0.46 -18.69
CA VAL A 2 12.31 -0.98 -17.33
C VAL A 2 13.73 -1.47 -17.05
N GLN A 3 14.27 -1.03 -15.93
CA GLN A 3 15.62 -1.42 -15.52
C GLN A 3 15.58 -2.44 -14.39
N VAL A 4 16.43 -3.45 -14.50
CA VAL A 4 16.51 -4.53 -13.53
C VAL A 4 17.90 -4.55 -12.86
N GLU A 5 17.94 -4.24 -11.57
CA GLU A 5 19.18 -4.23 -10.81
C GLU A 5 19.27 -5.44 -9.86
N THR A 6 20.05 -6.44 -10.26
CA THR A 6 20.23 -7.66 -9.45
C THR A 6 20.82 -7.34 -8.10
N ILE A 7 20.00 -7.40 -7.06
CA ILE A 7 20.47 -7.14 -5.71
C ILE A 7 21.05 -8.46 -5.19
N SER A 8 20.25 -9.51 -5.20
CA SER A 8 20.71 -10.81 -4.73
C SER A 8 20.81 -11.77 -5.91
N PRO A 9 21.89 -12.57 -5.96
CA PRO A 9 22.10 -13.54 -7.04
C PRO A 9 21.03 -14.61 -6.97
N GLY A 10 20.34 -14.83 -8.08
CA GLY A 10 19.32 -15.85 -8.11
C GLY A 10 19.89 -17.20 -8.50
N ASP A 11 18.99 -18.07 -8.93
CA ASP A 11 19.31 -19.40 -9.36
C ASP A 11 20.22 -19.33 -10.59
N GLY A 12 19.94 -18.35 -11.44
CA GLY A 12 20.72 -18.17 -12.66
C GLY A 12 20.25 -19.04 -13.82
N ARG A 13 19.37 -20.00 -13.52
CA ARG A 13 18.87 -20.92 -14.55
C ARG A 13 17.34 -21.00 -14.69
N THR A 14 16.65 -21.12 -13.56
CA THR A 14 15.20 -21.23 -13.56
C THR A 14 14.52 -19.89 -13.71
N PHE A 15 13.83 -19.72 -14.83
CA PHE A 15 13.10 -18.48 -15.12
C PHE A 15 11.63 -18.79 -15.31
N PRO A 16 10.74 -17.86 -14.93
CA PRO A 16 9.28 -17.99 -15.04
C PRO A 16 8.79 -18.27 -16.46
N LYS A 17 7.88 -19.24 -16.60
CA LYS A 17 7.29 -19.60 -17.88
C LYS A 17 5.92 -18.96 -18.04
N ARG A 18 5.55 -18.61 -19.27
CA ARG A 18 4.26 -18.00 -19.56
C ARG A 18 3.15 -18.96 -19.16
N GLY A 19 2.61 -18.76 -17.96
CA GLY A 19 1.54 -19.60 -17.46
C GLY A 19 1.77 -20.07 -16.03
N GLN A 20 2.99 -19.91 -15.53
CA GLN A 20 3.33 -20.32 -14.17
C GLN A 20 2.97 -19.25 -13.15
N THR A 21 3.00 -19.63 -11.88
CA THR A 21 2.70 -18.71 -10.80
C THR A 21 3.97 -18.25 -10.11
N CYS A 22 4.16 -16.94 -10.07
CA CYS A 22 5.33 -16.37 -9.42
C CYS A 22 4.92 -15.95 -8.02
N VAL A 23 5.63 -16.44 -7.03
CA VAL A 23 5.37 -16.10 -5.65
C VAL A 23 6.47 -15.14 -5.24
N VAL A 24 6.11 -13.89 -5.02
CA VAL A 24 7.10 -12.88 -4.66
C VAL A 24 6.75 -12.04 -3.44
N HIS A 25 7.76 -11.31 -2.98
CA HIS A 25 7.64 -10.42 -1.84
C HIS A 25 8.19 -9.12 -2.39
N TYR A 26 7.58 -8.00 -2.04
CA TYR A 26 8.04 -6.74 -2.58
C TYR A 26 7.63 -5.56 -1.75
N THR A 27 8.27 -4.43 -2.07
CA THR A 27 7.95 -3.15 -1.47
C THR A 27 7.91 -2.22 -2.68
N GLY A 28 7.10 -1.18 -2.59
CA GLY A 28 6.99 -0.25 -3.69
C GLY A 28 7.19 1.16 -3.20
N MET A 29 8.04 1.90 -3.89
CA MET A 29 8.33 3.28 -3.54
C MET A 29 8.47 4.13 -4.80
N LEU A 30 8.45 5.44 -4.62
CA LEU A 30 8.59 6.39 -5.73
C LEU A 30 10.03 6.89 -5.76
N GLU A 31 10.41 7.58 -6.84
CA GLU A 31 11.76 8.14 -6.98
C GLU A 31 12.10 8.99 -5.75
N ASP A 32 11.11 9.75 -5.29
CA ASP A 32 11.28 10.62 -4.12
C ASP A 32 11.21 9.87 -2.80
N GLY A 33 11.72 8.64 -2.79
CA GLY A 33 11.76 7.82 -1.59
C GLY A 33 10.47 7.23 -1.06
N LYS A 34 9.45 8.09 -0.86
CA LYS A 34 8.14 7.70 -0.35
C LYS A 34 7.67 6.30 -0.76
N LYS A 35 7.47 5.43 0.23
CA LYS A 35 7.00 4.07 -0.02
C LYS A 35 5.48 4.13 -0.04
N PHE A 36 4.85 3.21 -0.75
CA PHE A 36 3.40 3.18 -0.82
C PHE A 36 2.78 1.81 -0.61
N ASP A 37 3.60 0.76 -0.52
CA ASP A 37 3.10 -0.60 -0.32
C ASP A 37 4.24 -1.55 0.02
N SER A 38 3.93 -2.61 0.75
CA SER A 38 4.91 -3.61 1.16
C SER A 38 4.22 -4.89 1.61
N SER A 39 4.43 -5.98 0.87
CA SER A 39 3.81 -7.26 1.22
C SER A 39 4.52 -7.87 2.41
N ARG A 40 5.79 -7.51 2.59
CA ARG A 40 6.57 -8.03 3.71
C ARG A 40 5.96 -7.62 5.06
N ASP A 41 5.48 -6.38 5.12
CA ASP A 41 4.86 -5.88 6.34
C ASP A 41 3.56 -6.61 6.66
N ARG A 42 2.84 -7.07 5.63
CA ARG A 42 1.60 -7.79 5.86
C ARG A 42 1.77 -9.31 5.86
N ASN A 43 3.01 -9.79 5.92
CA ASN A 43 3.35 -11.21 5.94
C ASN A 43 2.72 -12.11 4.87
N LYS A 44 2.12 -11.52 3.84
CA LYS A 44 1.49 -12.28 2.76
C LYS A 44 2.14 -11.96 1.41
N PRO A 45 2.89 -12.92 0.85
CA PRO A 45 3.59 -12.79 -0.43
C PRO A 45 2.61 -12.64 -1.58
N PHE A 46 2.97 -11.84 -2.57
CA PHE A 46 2.11 -11.61 -3.72
C PHE A 46 2.22 -12.73 -4.74
N LYS A 47 1.08 -13.33 -5.07
CA LYS A 47 1.00 -14.41 -6.05
C LYS A 47 0.28 -13.93 -7.31
N PHE A 48 0.85 -14.26 -8.47
CA PHE A 48 0.26 -13.88 -9.74
C PHE A 48 0.83 -14.78 -10.83
N MET A 49 0.03 -15.03 -11.85
CA MET A 49 0.45 -15.85 -12.99
C MET A 49 1.03 -14.94 -14.05
N LEU A 50 2.06 -15.43 -14.75
CA LEU A 50 2.70 -14.66 -15.78
C LEU A 50 1.94 -14.73 -17.11
N GLY A 51 1.82 -13.60 -17.78
CA GLY A 51 1.14 -13.54 -19.07
C GLY A 51 -0.36 -13.60 -19.05
N LYS A 52 -0.97 -13.62 -17.87
CA LYS A 52 -2.42 -13.68 -17.77
C LYS A 52 -3.04 -12.30 -17.52
N GLN A 53 -2.22 -11.26 -17.72
CA GLN A 53 -2.66 -9.88 -17.53
C GLN A 53 -3.14 -9.62 -16.10
N GLU A 54 -2.46 -10.22 -15.13
CA GLU A 54 -2.81 -10.04 -13.73
C GLU A 54 -1.98 -8.91 -13.12
N VAL A 55 -0.97 -8.44 -13.85
CA VAL A 55 -0.10 -7.38 -13.37
C VAL A 55 0.32 -6.41 -14.48
N ILE A 56 0.85 -5.26 -14.08
CA ILE A 56 1.31 -4.22 -14.98
C ILE A 56 2.51 -4.67 -15.84
N ARG A 57 2.67 -4.05 -17.01
CA ARG A 57 3.75 -4.36 -17.94
C ARG A 57 5.14 -4.50 -17.34
N GLY A 58 5.55 -3.50 -16.57
CA GLY A 58 6.86 -3.53 -15.94
C GLY A 58 7.07 -4.83 -15.19
N TRP A 59 6.11 -5.21 -14.37
CA TRP A 59 6.22 -6.46 -13.62
C TRP A 59 6.29 -7.62 -14.60
N GLU A 60 5.40 -7.61 -15.58
CA GLU A 60 5.35 -8.67 -16.60
C GLU A 60 6.71 -8.98 -17.21
N GLU A 61 7.38 -7.96 -17.75
CA GLU A 61 8.68 -8.16 -18.37
C GLU A 61 9.82 -8.25 -17.36
N GLY A 62 9.84 -7.30 -16.41
CA GLY A 62 10.87 -7.28 -15.40
C GLY A 62 10.98 -8.57 -14.63
N VAL A 63 9.85 -9.12 -14.23
CA VAL A 63 9.85 -10.37 -13.48
C VAL A 63 10.14 -11.55 -14.38
N ALA A 64 9.70 -11.49 -15.63
CA ALA A 64 9.90 -12.59 -16.57
C ALA A 64 11.39 -12.93 -16.77
N GLN A 65 12.26 -11.97 -16.49
CA GLN A 65 13.69 -12.17 -16.66
C GLN A 65 14.46 -12.20 -15.34
N MET A 66 13.78 -12.65 -14.30
CA MET A 66 14.36 -12.75 -12.97
C MET A 66 14.37 -14.23 -12.64
N SER A 67 15.53 -14.77 -12.31
CA SER A 67 15.60 -16.20 -11.98
C SER A 67 15.15 -16.40 -10.55
N VAL A 68 14.69 -17.60 -10.22
CA VAL A 68 14.22 -17.86 -8.86
C VAL A 68 15.29 -17.60 -7.79
N GLY A 69 14.86 -17.10 -6.63
CA GLY A 69 15.79 -16.80 -5.56
C GLY A 69 16.38 -15.42 -5.72
N GLN A 70 16.27 -14.86 -6.92
CA GLN A 70 16.81 -13.54 -7.23
C GLN A 70 16.00 -12.39 -6.63
N ARG A 71 16.70 -11.38 -6.14
CA ARG A 71 16.09 -10.19 -5.59
C ARG A 71 16.57 -9.06 -6.46
N ALA A 72 15.64 -8.32 -7.07
CA ALA A 72 15.99 -7.22 -7.95
C ALA A 72 15.21 -5.94 -7.69
N LYS A 73 15.80 -4.83 -8.10
CA LYS A 73 15.20 -3.51 -7.94
C LYS A 73 14.67 -3.18 -9.32
N LEU A 74 13.36 -3.00 -9.44
CA LEU A 74 12.75 -2.67 -10.71
C LEU A 74 12.46 -1.19 -10.83
N THR A 75 12.92 -0.58 -11.91
CA THR A 75 12.69 0.83 -12.14
C THR A 75 11.77 0.96 -13.36
N ILE A 76 10.48 0.79 -13.10
CA ILE A 76 9.45 0.81 -14.14
C ILE A 76 9.08 2.22 -14.61
N SER A 77 9.06 2.41 -15.92
CA SER A 77 8.67 3.70 -16.48
C SER A 77 7.15 3.78 -16.50
N PRO A 78 6.59 5.00 -16.32
CA PRO A 78 5.14 5.25 -16.29
C PRO A 78 4.34 4.54 -17.37
N ASP A 79 4.82 4.55 -18.61
CA ASP A 79 4.13 3.89 -19.71
C ASP A 79 4.02 2.37 -19.55
N TYR A 80 4.83 1.81 -18.65
CA TYR A 80 4.82 0.36 -18.37
C TYR A 80 4.04 0.10 -17.07
N ALA A 81 3.77 1.18 -16.35
CA ALA A 81 3.02 1.13 -15.10
C ALA A 81 1.68 1.86 -15.29
N TYR A 82 1.47 2.95 -14.56
CA TYR A 82 0.22 3.69 -14.65
C TYR A 82 0.56 5.09 -15.18
N GLY A 83 1.11 5.15 -16.39
CA GLY A 83 1.48 6.42 -16.97
C GLY A 83 0.37 7.44 -17.11
N ALA A 84 -0.70 7.04 -17.78
CA ALA A 84 -1.84 7.91 -18.02
C ALA A 84 -2.59 8.47 -16.80
N THR A 85 -3.08 7.60 -15.94
CA THR A 85 -3.86 8.06 -14.79
C THR A 85 -3.25 7.82 -13.42
N GLY A 86 -2.31 6.88 -13.33
CA GLY A 86 -1.73 6.58 -12.05
C GLY A 86 -2.75 5.71 -11.33
N HIS A 87 -2.92 5.92 -10.04
CA HIS A 87 -3.88 5.15 -9.28
C HIS A 87 -4.39 6.01 -8.14
N PRO A 88 -5.68 6.38 -8.20
CA PRO A 88 -6.41 7.21 -7.24
C PRO A 88 -6.03 7.01 -5.78
N GLY A 89 -5.59 8.09 -5.16
CA GLY A 89 -5.22 8.05 -3.76
C GLY A 89 -3.83 7.54 -3.43
N ILE A 90 -3.30 6.64 -4.25
CA ILE A 90 -1.97 6.09 -3.98
C ILE A 90 -0.90 6.58 -4.94
N ILE A 91 -1.10 6.36 -6.24
CA ILE A 91 -0.09 6.79 -7.20
C ILE A 91 -0.56 7.94 -8.08
N PRO A 92 0.27 9.00 -8.20
CA PRO A 92 -0.02 10.18 -9.02
C PRO A 92 0.28 9.85 -10.49
N PRO A 93 -0.26 10.64 -11.43
CA PRO A 93 0.00 10.37 -12.85
C PRO A 93 1.45 10.67 -13.25
N HIS A 94 1.94 9.97 -14.27
CA HIS A 94 3.30 10.12 -14.80
C HIS A 94 4.43 9.72 -13.85
N ALA A 95 4.09 9.07 -12.74
CA ALA A 95 5.11 8.68 -11.77
C ALA A 95 5.85 7.41 -12.12
N THR A 96 7.16 7.44 -11.89
CA THR A 96 8.02 6.30 -12.15
C THR A 96 8.06 5.53 -10.82
N LEU A 97 8.05 4.20 -10.90
CA LEU A 97 8.03 3.35 -9.71
C LEU A 97 9.25 2.45 -9.53
N VAL A 98 9.62 2.26 -8.26
CA VAL A 98 10.75 1.40 -7.92
C VAL A 98 10.22 0.25 -7.05
N PHE A 99 10.36 -0.97 -7.54
CA PHE A 99 9.89 -2.15 -6.80
C PHE A 99 11.01 -3.07 -6.35
N ASP A 100 11.01 -3.39 -5.06
CA ASP A 100 12.00 -4.29 -4.49
C ASP A 100 11.30 -5.64 -4.49
N VAL A 101 11.50 -6.41 -5.55
CA VAL A 101 10.85 -7.71 -5.66
C VAL A 101 11.78 -8.91 -5.52
N GLU A 102 11.36 -9.88 -4.71
CA GLU A 102 12.13 -11.11 -4.50
C GLU A 102 11.33 -12.29 -5.03
N LEU A 103 11.89 -12.99 -6.02
CA LEU A 103 11.24 -14.14 -6.61
C LEU A 103 11.44 -15.32 -5.65
N LEU A 104 10.46 -15.57 -4.81
CA LEU A 104 10.57 -16.65 -3.84
C LEU A 104 10.57 -18.04 -4.48
N LYS A 105 9.53 -18.36 -5.23
CA LYS A 105 9.44 -19.66 -5.88
C LYS A 105 8.38 -19.70 -6.97
N LEU A 106 8.23 -20.87 -7.58
CA LEU A 106 7.26 -21.05 -8.65
C LEU A 106 6.23 -22.11 -8.32
N GLU A 107 5.08 -22.00 -8.98
CA GLU A 107 3.95 -22.91 -8.83
C GLU A 107 3.22 -22.91 -10.18
N GLY B 1 -19.74 12.71 7.26
CA GLY B 1 -19.50 11.44 8.00
C GLY B 1 -18.15 10.89 7.58
N VAL B 2 -17.90 9.63 7.90
CA VAL B 2 -16.64 8.99 7.52
C VAL B 2 -16.90 8.04 6.34
N GLN B 3 -16.25 8.33 5.22
CA GLN B 3 -16.39 7.55 4.00
C GLN B 3 -15.37 6.41 3.97
N VAL B 4 -15.77 5.28 3.38
CA VAL B 4 -14.89 4.12 3.28
C VAL B 4 -14.95 3.54 1.87
N GLU B 5 -13.98 3.88 1.04
CA GLU B 5 -13.93 3.36 -0.32
C GLU B 5 -12.85 2.28 -0.33
N THR B 6 -13.28 1.02 -0.32
CA THR B 6 -12.33 -0.09 -0.30
C THR B 6 -11.59 -0.20 -1.62
N ILE B 7 -10.28 -0.48 -1.54
CA ILE B 7 -9.46 -0.63 -2.74
C ILE B 7 -8.75 -1.98 -2.75
N SER B 8 -8.49 -2.50 -1.56
CA SER B 8 -7.85 -3.80 -1.39
C SER B 8 -8.67 -4.56 -0.36
N PRO B 9 -8.97 -5.84 -0.62
CA PRO B 9 -9.76 -6.70 0.25
C PRO B 9 -9.04 -7.30 1.44
N GLY B 10 -9.80 -7.48 2.52
CA GLY B 10 -9.29 -8.09 3.72
C GLY B 10 -9.97 -9.43 3.78
N ASP B 11 -10.21 -9.98 4.97
CA ASP B 11 -10.90 -11.26 5.05
C ASP B 11 -12.42 -11.13 4.99
N GLY B 12 -12.91 -9.90 5.15
CA GLY B 12 -14.35 -9.65 5.11
C GLY B 12 -15.17 -10.28 6.23
N ARG B 13 -14.51 -10.76 7.27
CA ARG B 13 -15.20 -11.38 8.40
C ARG B 13 -14.73 -10.78 9.71
N THR B 14 -13.42 -10.84 9.94
CA THR B 14 -12.84 -10.33 11.18
C THR B 14 -12.74 -8.82 11.25
N PHE B 15 -13.71 -8.20 11.92
CA PHE B 15 -13.74 -6.75 12.11
C PHE B 15 -13.27 -6.55 13.55
N PRO B 16 -12.42 -5.54 13.80
CA PRO B 16 -11.92 -5.27 15.15
C PRO B 16 -13.02 -5.11 16.21
N LYS B 17 -12.96 -5.96 17.24
CA LYS B 17 -13.93 -5.92 18.32
C LYS B 17 -13.49 -4.81 19.26
N ARG B 18 -14.46 -4.14 19.88
CA ARG B 18 -14.18 -3.04 20.81
C ARG B 18 -13.25 -3.50 21.94
N GLY B 19 -12.01 -3.03 21.89
CA GLY B 19 -11.04 -3.40 22.92
C GLY B 19 -9.76 -4.03 22.39
N GLN B 20 -9.72 -4.24 21.07
CA GLN B 20 -8.55 -4.82 20.43
C GLN B 20 -7.54 -3.77 19.99
N THR B 21 -6.30 -4.22 19.76
CA THR B 21 -5.23 -3.34 19.32
C THR B 21 -5.13 -3.45 17.80
N CYS B 22 -5.12 -2.31 17.12
CA CYS B 22 -5.03 -2.31 15.67
C CYS B 22 -3.66 -1.87 15.21
N VAL B 23 -3.05 -2.64 14.32
CA VAL B 23 -1.75 -2.32 13.78
C VAL B 23 -2.02 -1.90 12.34
N VAL B 24 -1.93 -0.60 12.06
CA VAL B 24 -2.20 -0.10 10.73
C VAL B 24 -1.04 0.67 10.12
N HIS B 25 -1.12 0.83 8.79
CA HIS B 25 -0.14 1.58 8.03
C HIS B 25 -1.03 2.57 7.31
N TYR B 26 -0.74 3.86 7.43
CA TYR B 26 -1.58 4.86 6.79
C TYR B 26 -0.79 5.96 6.13
N THR B 27 -1.51 6.78 5.38
CA THR B 27 -0.95 7.93 4.71
C THR B 27 -2.09 8.93 4.72
N GLY B 28 -1.93 9.98 5.51
CA GLY B 28 -2.95 11.00 5.59
C GLY B 28 -2.63 12.12 4.61
N MET B 29 -3.64 12.57 3.88
CA MET B 29 -3.47 13.64 2.92
C MET B 29 -4.64 14.61 2.96
N LEU B 30 -4.38 15.86 2.61
CA LEU B 30 -5.42 16.88 2.58
C LEU B 30 -6.34 16.64 1.39
N GLU B 31 -7.48 17.31 1.36
CA GLU B 31 -8.46 17.16 0.28
C GLU B 31 -7.84 17.30 -1.10
N ASP B 32 -6.80 18.12 -1.22
CA ASP B 32 -6.13 18.32 -2.51
C ASP B 32 -4.92 17.38 -2.69
N GLY B 33 -5.00 16.20 -2.09
CA GLY B 33 -3.94 15.20 -2.21
C GLY B 33 -2.59 15.43 -1.55
N LYS B 34 -2.46 16.47 -0.73
CA LYS B 34 -1.19 16.78 -0.07
C LYS B 34 -0.90 15.80 1.06
N LYS B 35 0.13 14.97 0.86
CA LYS B 35 0.53 13.99 1.88
C LYS B 35 1.15 14.76 3.04
N PHE B 36 0.45 14.81 4.16
CA PHE B 36 0.97 15.51 5.32
C PHE B 36 1.66 14.60 6.34
N ASP B 37 1.42 13.30 6.25
CA ASP B 37 2.02 12.35 7.18
C ASP B 37 1.88 10.94 6.63
N SER B 38 2.82 10.06 7.00
CA SER B 38 2.77 8.68 6.53
C SER B 38 3.62 7.76 7.40
N SER B 39 2.99 6.72 7.95
CA SER B 39 3.69 5.76 8.80
C SER B 39 4.62 4.88 7.97
N ARG B 40 4.31 4.77 6.68
CA ARG B 40 5.11 3.96 5.78
C ARG B 40 6.53 4.49 5.58
N ASP B 41 6.71 5.77 5.87
CA ASP B 41 8.03 6.39 5.73
C ASP B 41 8.89 6.04 6.95
N ARG B 42 8.26 6.08 8.13
CA ARG B 42 8.95 5.78 9.37
C ARG B 42 9.25 4.29 9.53
N ASN B 43 8.69 3.47 8.64
CA ASN B 43 8.87 2.02 8.65
C ASN B 43 8.35 1.38 9.94
N LYS B 44 7.48 2.12 10.63
CA LYS B 44 6.89 1.67 11.90
C LYS B 44 5.37 1.87 11.85
N PRO B 45 4.60 0.78 11.91
CA PRO B 45 3.15 0.91 11.87
C PRO B 45 2.59 1.56 13.14
N PHE B 46 1.41 2.14 13.02
CA PHE B 46 0.75 2.81 14.14
C PHE B 46 -0.12 1.81 14.89
N LYS B 47 0.12 1.68 16.19
CA LYS B 47 -0.66 0.77 17.02
C LYS B 47 -1.58 1.55 17.94
N PHE B 48 -2.89 1.49 17.68
CA PHE B 48 -3.84 2.19 18.53
C PHE B 48 -4.92 1.21 18.99
N MET B 49 -5.41 1.38 20.21
CA MET B 49 -6.46 0.54 20.76
C MET B 49 -7.79 1.17 20.39
N LEU B 50 -8.76 0.33 20.01
CA LEU B 50 -10.07 0.80 19.61
C LEU B 50 -11.00 1.07 20.81
N GLY B 51 -11.63 2.24 20.82
CA GLY B 51 -12.54 2.59 21.90
C GLY B 51 -12.11 3.77 22.75
N LYS B 52 -10.86 3.74 23.22
CA LYS B 52 -10.32 4.81 24.05
C LYS B 52 -9.88 6.01 23.22
N GLN B 53 -9.89 7.19 23.84
CA GLN B 53 -9.50 8.43 23.18
C GLN B 53 -8.08 8.34 22.61
N GLU B 54 -7.95 7.74 21.44
CA GLU B 54 -6.65 7.63 20.79
C GLU B 54 -6.67 8.12 19.36
N VAL B 55 -7.80 7.92 18.69
CA VAL B 55 -7.92 8.35 17.31
C VAL B 55 -9.10 9.30 17.12
N ILE B 56 -8.97 10.16 16.11
CA ILE B 56 -10.02 11.11 15.77
C ILE B 56 -11.27 10.28 15.40
N ARG B 57 -12.45 10.78 15.75
CA ARG B 57 -13.72 10.08 15.48
C ARG B 57 -13.76 9.34 14.14
N GLY B 58 -13.29 9.99 13.08
CA GLY B 58 -13.29 9.36 11.78
C GLY B 58 -12.64 7.99 11.78
N TRP B 59 -11.47 7.90 12.41
CA TRP B 59 -10.76 6.64 12.51
C TRP B 59 -11.52 5.60 13.34
N GLU B 60 -12.17 6.06 14.41
CA GLU B 60 -12.94 5.16 15.26
C GLU B 60 -14.02 4.45 14.43
N GLU B 61 -14.84 5.23 13.74
CA GLU B 61 -15.91 4.67 12.92
C GLU B 61 -15.41 3.95 11.67
N GLY B 62 -14.46 4.58 10.99
CA GLY B 62 -13.90 4.02 9.76
C GLY B 62 -13.29 2.65 9.91
N VAL B 63 -12.21 2.54 10.69
CA VAL B 63 -11.53 1.26 10.86
C VAL B 63 -12.45 0.16 11.38
N ALA B 64 -13.41 0.52 12.22
CA ALA B 64 -14.34 -0.46 12.78
C ALA B 64 -15.15 -1.22 11.72
N GLN B 65 -15.24 -0.63 10.53
CA GLN B 65 -15.98 -1.23 9.42
C GLN B 65 -15.05 -2.03 8.52
N MET B 66 -13.76 -1.95 8.81
CA MET B 66 -12.76 -2.66 8.04
C MET B 66 -12.51 -4.06 8.57
N SER B 67 -12.06 -4.95 7.69
CA SER B 67 -11.77 -6.32 8.07
C SER B 67 -10.26 -6.50 7.93
N VAL B 68 -9.69 -7.40 8.73
CA VAL B 68 -8.24 -7.64 8.70
C VAL B 68 -7.68 -7.89 7.31
N GLY B 69 -6.67 -7.12 6.93
CA GLY B 69 -6.03 -7.25 5.64
C GLY B 69 -6.53 -6.26 4.59
N GLN B 70 -7.60 -5.55 4.94
CA GLN B 70 -8.21 -4.58 4.06
C GLN B 70 -7.50 -3.24 4.04
N ARG B 71 -7.58 -2.57 2.90
CA ARG B 71 -6.99 -1.25 2.72
C ARG B 71 -8.05 -0.38 2.09
N ALA B 72 -8.31 0.78 2.68
CA ALA B 72 -9.34 1.66 2.16
C ALA B 72 -9.00 3.12 2.23
N LYS B 73 -9.78 3.90 1.47
CA LYS B 73 -9.61 5.33 1.39
C LYS B 73 -10.67 5.98 2.26
N LEU B 74 -10.28 6.31 3.50
CA LEU B 74 -11.18 6.96 4.45
C LEU B 74 -11.21 8.45 4.18
N THR B 75 -12.37 8.95 3.78
CA THR B 75 -12.51 10.38 3.55
C THR B 75 -13.32 10.89 4.73
N ILE B 76 -12.62 11.53 5.67
CA ILE B 76 -13.22 12.04 6.89
C ILE B 76 -13.61 13.52 6.80
N SER B 77 -14.91 13.78 6.97
CA SER B 77 -15.44 15.14 6.93
C SER B 77 -14.90 15.94 8.12
N PRO B 78 -14.70 17.27 7.93
CA PRO B 78 -14.18 18.18 8.96
C PRO B 78 -14.68 17.97 10.38
N ASP B 79 -15.99 17.76 10.53
CA ASP B 79 -16.57 17.56 11.87
C ASP B 79 -16.13 16.27 12.56
N TYR B 80 -15.62 15.32 11.79
CA TYR B 80 -15.16 14.03 12.35
C TYR B 80 -13.65 13.95 12.56
N ALA B 81 -12.95 15.03 12.23
CA ALA B 81 -11.50 15.07 12.40
C ALA B 81 -11.17 16.12 13.45
N TYR B 82 -10.82 17.32 12.98
CA TYR B 82 -10.48 18.43 13.85
C TYR B 82 -11.44 19.52 13.42
N GLY B 83 -11.29 19.99 12.18
CA GLY B 83 -12.16 21.00 11.63
C GLY B 83 -12.29 22.32 12.37
N ALA B 84 -12.94 22.29 13.54
CA ALA B 84 -13.13 23.48 14.35
C ALA B 84 -11.78 24.16 14.65
N THR B 85 -11.08 23.62 15.65
CA THR B 85 -9.79 24.15 16.07
C THR B 85 -8.67 23.86 15.07
N GLY B 86 -8.90 22.90 14.18
CA GLY B 86 -7.90 22.52 13.21
C GLY B 86 -6.80 21.80 13.97
N HIS B 87 -5.56 22.01 13.57
CA HIS B 87 -4.43 21.37 14.25
C HIS B 87 -3.15 22.10 13.92
N PRO B 88 -2.62 22.85 14.90
CA PRO B 88 -1.40 23.64 14.80
C PRO B 88 -0.30 22.93 14.03
N GLY B 89 0.05 23.48 12.87
CA GLY B 89 1.11 22.89 12.08
C GLY B 89 0.81 22.51 10.65
N ILE B 90 0.17 21.35 10.47
CA ILE B 90 -0.16 20.85 9.14
C ILE B 90 -1.64 20.68 8.84
N ILE B 91 -2.48 20.88 9.85
CA ILE B 91 -3.90 20.72 9.63
C ILE B 91 -4.68 22.04 9.77
N PRO B 92 -4.95 22.71 8.65
CA PRO B 92 -5.69 23.98 8.65
C PRO B 92 -7.16 23.73 9.00
N PRO B 93 -7.86 24.76 9.50
CA PRO B 93 -9.27 24.65 9.89
C PRO B 93 -10.21 24.17 8.79
N HIS B 94 -11.24 23.42 9.22
CA HIS B 94 -12.26 22.86 8.34
C HIS B 94 -11.68 22.10 7.16
N ALA B 95 -10.67 21.29 7.45
CA ALA B 95 -10.01 20.50 6.43
C ALA B 95 -10.62 19.12 6.38
N THR B 96 -10.85 18.63 5.15
CA THR B 96 -11.39 17.29 4.94
C THR B 96 -10.16 16.41 4.75
N LEU B 97 -10.08 15.33 5.52
CA LEU B 97 -8.94 14.43 5.48
C LEU B 97 -9.17 13.12 4.76
N VAL B 98 -8.16 12.69 4.01
CA VAL B 98 -8.23 11.43 3.29
C VAL B 98 -7.14 10.54 3.87
N PHE B 99 -7.50 9.32 4.24
CA PHE B 99 -6.54 8.41 4.81
C PHE B 99 -6.48 7.09 4.08
N ASP B 100 -5.28 6.71 3.68
CA ASP B 100 -5.07 5.45 2.99
C ASP B 100 -4.64 4.53 4.12
N VAL B 101 -5.59 3.77 4.65
CA VAL B 101 -5.31 2.88 5.77
C VAL B 101 -5.30 1.42 5.38
N GLU B 102 -4.24 0.71 5.80
CA GLU B 102 -4.12 -0.72 5.56
C GLU B 102 -4.09 -1.40 6.93
N LEU B 103 -5.15 -2.11 7.28
CA LEU B 103 -5.23 -2.79 8.56
C LEU B 103 -4.36 -4.03 8.48
N LEU B 104 -3.19 -3.95 9.10
CA LEU B 104 -2.24 -5.04 9.07
C LEU B 104 -2.65 -6.23 9.93
N LYS B 105 -2.85 -6.00 11.23
CA LYS B 105 -3.26 -7.08 12.11
C LYS B 105 -4.01 -6.59 13.33
N LEU B 106 -4.65 -7.53 14.02
CA LEU B 106 -5.41 -7.26 15.24
C LEU B 106 -4.84 -8.16 16.31
N GLU B 107 -4.47 -7.57 17.43
CA GLU B 107 -3.90 -8.33 18.53
C GLU B 107 -4.89 -8.35 19.70
#